data_6F0E
#
_entry.id   6F0E
#
_cell.length_a   88.077
_cell.length_b   88.077
_cell.length_c   109.254
_cell.angle_alpha   90.00
_cell.angle_beta   90.00
_cell.angle_gamma   120.00
#
_symmetry.space_group_name_H-M   'P 32 2 1'
#
loop_
_entity.id
_entity.type
_entity.pdbx_description
1 polymer 'SEC14 cytosolic factor'
2 non-polymer ~{N}-(1,3-benzodioxol-5-ylmethyl)-5-bromanyl-3-fluoranyl-pyridine-2-carboxamide
3 water water
#
_entity_poly.entity_id   1
_entity_poly.type   'polypeptide(L)'
_entity_poly.pdbx_seq_one_letter_code
;HHHHHHHHMVTQQEKEFLESYPQNCPPDALPGTPGNLDSAQEKALAELRKLLEDAGFIERLDDSTLLRFLRARKFDVQLA
KEMFENCEKWRKDYGTDTILQDFHYDEKPLIAKFYPQYYHKTDKDGRPVYFEELGAVNLHEMNKVTSEERMLKNLVWEYE
SVVQYRLPACSRAAGHLVETSCTIMDLKGISISSAYSVMSYVREASYISQNYYPERMGKFYIINAPFGFSTAFRLFKPFL
DPVTVSKIFILGSSYQKELLKQIPAENLPVKFGGKSEVDESKGGLYLSDIGPWRDPKYIGPEGEAPEAFSMK
;
_entity_poly.pdbx_strand_id   A
#
# COMPACT_ATOMS: atom_id res chain seq x y z
N GLN A 12 17.75 -21.17 6.01
CA GLN A 12 16.77 -20.70 5.04
C GLN A 12 16.97 -19.21 4.78
N GLN A 13 16.57 -18.76 3.59
CA GLN A 13 16.76 -17.36 3.24
C GLN A 13 15.61 -16.48 3.68
N GLU A 14 14.47 -17.06 4.11
CA GLU A 14 13.44 -16.26 4.77
C GLU A 14 13.94 -15.79 6.14
N LYS A 15 14.60 -16.69 6.88
CA LYS A 15 15.30 -16.28 8.10
C LYS A 15 16.26 -15.13 7.83
N GLU A 16 17.13 -15.27 6.82
CA GLU A 16 18.10 -14.21 6.55
C GLU A 16 17.40 -12.90 6.25
N PHE A 17 16.24 -12.97 5.60
CA PHE A 17 15.56 -11.75 5.14
C PHE A 17 14.94 -11.00 6.31
N LEU A 18 14.15 -11.68 7.14
CA LEU A 18 13.48 -10.98 8.22
C LEU A 18 14.45 -10.51 9.29
N GLU A 19 15.61 -11.11 9.40
CA GLU A 19 16.62 -10.58 10.31
C GLU A 19 17.31 -9.33 9.77
N SER A 20 17.09 -9.00 8.50
CA SER A 20 17.79 -7.88 7.89
C SER A 20 17.10 -6.54 8.11
N TYR A 21 15.98 -6.49 8.81
CA TYR A 21 15.34 -5.21 9.07
C TYR A 21 14.59 -5.28 10.39
N PRO A 22 14.37 -4.12 11.05
CA PRO A 22 13.71 -4.12 12.36
C PRO A 22 12.35 -4.78 12.30
N GLN A 23 12.03 -5.58 13.32
CA GLN A 23 10.82 -6.41 13.29
C GLN A 23 9.79 -6.05 14.36
N ASN A 24 9.99 -4.98 15.13
CA ASN A 24 9.01 -4.58 16.13
C ASN A 24 8.37 -3.25 15.74
N CYS A 25 7.06 -3.14 15.92
CA CYS A 25 6.44 -1.83 15.72
C CYS A 25 6.70 -0.95 16.94
N PRO A 26 6.68 0.38 16.78
CA PRO A 26 6.85 1.25 17.95
C PRO A 26 5.84 0.92 19.04
N PRO A 27 6.16 1.21 20.30
CA PRO A 27 5.28 0.79 21.41
C PRO A 27 3.90 1.45 21.39
N ASP A 28 3.75 2.59 20.73
CA ASP A 28 2.47 3.29 20.67
C ASP A 28 1.63 2.94 19.44
N ALA A 29 1.92 1.81 18.80
CA ALA A 29 1.10 1.35 17.70
C ALA A 29 -0.13 0.63 18.24
N LEU A 30 -1.20 0.56 17.40
CA LEU A 30 -2.42 -0.14 17.77
C LEU A 30 -2.05 -1.52 18.30
N PRO A 31 -2.81 -2.06 19.26
CA PRO A 31 -2.45 -3.38 19.82
C PRO A 31 -2.62 -4.48 18.78
N GLY A 32 -2.07 -5.63 19.06
CA GLY A 32 -2.12 -6.71 18.12
C GLY A 32 -1.05 -6.58 17.05
N THR A 33 -0.31 -5.48 17.03
CA THR A 33 0.79 -5.32 16.10
C THR A 33 2.02 -6.04 16.65
N PRO A 34 2.99 -6.32 15.79
CA PRO A 34 4.16 -7.04 16.29
C PRO A 34 4.89 -6.27 17.36
N GLY A 35 5.20 -6.96 18.44
CA GLY A 35 5.89 -6.36 19.57
C GLY A 35 4.98 -5.74 20.59
N ASN A 36 3.70 -5.68 20.27
CA ASN A 36 2.70 -5.10 21.14
C ASN A 36 1.59 -6.09 21.46
N LEU A 37 1.92 -7.36 21.59
CA LEU A 37 0.91 -8.36 21.83
C LEU A 37 0.61 -8.74 23.26
N ASP A 38 -0.65 -8.66 23.64
CA ASP A 38 -1.09 -9.08 24.96
C ASP A 38 -1.24 -10.59 25.01
N SER A 39 -1.28 -11.14 26.22
CA SER A 39 -1.37 -12.58 26.46
C SER A 39 -2.32 -13.34 25.57
N ALA A 40 -3.52 -12.81 25.41
CA ALA A 40 -4.51 -13.45 24.55
C ALA A 40 -4.01 -13.58 23.12
N GLN A 41 -3.65 -12.46 22.53
CA GLN A 41 -3.18 -12.42 21.17
C GLN A 41 -1.95 -13.29 20.97
N GLU A 42 -1.09 -13.34 21.95
CA GLU A 42 0.11 -14.12 21.77
C GLU A 42 -0.23 -15.58 21.55
N LYS A 43 -1.20 -16.08 22.31
CA LYS A 43 -1.62 -17.46 22.18
C LYS A 43 -2.25 -17.76 20.84
N ALA A 44 -3.08 -16.85 20.39
CA ALA A 44 -3.80 -16.98 19.12
C ALA A 44 -2.90 -17.06 17.93
N LEU A 45 -1.81 -16.32 17.96
CA LEU A 45 -0.86 -16.27 16.89
C LEU A 45 -0.19 -17.59 16.56
N ALA A 46 0.18 -18.36 17.55
CA ALA A 46 0.90 -19.61 17.29
C ALA A 46 -0.07 -20.72 17.20
N GLU A 47 -1.31 -20.35 17.28
CA GLU A 47 -2.34 -21.35 17.42
C GLU A 47 -2.76 -21.49 15.95
N LEU A 48 -2.91 -20.32 15.35
CA LEU A 48 -3.20 -20.14 13.94
C LEU A 48 -2.05 -20.66 13.14
N ARG A 49 -0.85 -20.43 13.61
CA ARG A 49 0.32 -20.91 12.92
C ARG A 49 0.35 -22.40 12.89
N LYS A 50 -0.03 -23.04 13.98
CA LYS A 50 0.00 -24.49 14.04
C LYS A 50 -0.92 -25.06 13.00
N LEU A 51 -2.11 -24.51 12.90
CA LEU A 51 -3.06 -25.01 11.94
C LEU A 51 -2.54 -24.87 10.54
N LEU A 52 -1.94 -23.74 10.24
CA LEU A 52 -1.37 -23.50 8.92
C LEU A 52 -0.24 -24.45 8.65
N GLU A 53 0.58 -24.70 9.66
CA GLU A 53 1.68 -25.62 9.47
C GLU A 53 1.14 -27.00 9.18
N ASP A 54 0.13 -27.40 9.93
CA ASP A 54 -0.51 -28.70 9.77
C ASP A 54 -1.18 -28.83 8.41
N ALA A 55 -1.75 -27.74 7.94
CA ALA A 55 -2.44 -27.71 6.67
C ALA A 55 -1.47 -27.87 5.54
N GLY A 56 -0.19 -27.80 5.87
CA GLY A 56 0.87 -27.90 4.88
C GLY A 56 1.61 -26.66 4.44
N PHE A 57 1.20 -25.48 4.87
CA PHE A 57 1.89 -24.27 4.44
C PHE A 57 3.28 -24.15 4.99
N ILE A 58 4.20 -23.65 4.18
CA ILE A 58 5.56 -23.42 4.62
C ILE A 58 5.93 -21.94 4.50
N GLU A 59 5.35 -21.30 3.49
CA GLU A 59 5.57 -19.90 3.21
C GLU A 59 4.74 -18.93 4.00
N ARG A 60 5.27 -17.74 4.18
CA ARG A 60 4.54 -16.65 4.81
C ARG A 60 3.90 -16.94 6.15
N LEU A 61 4.65 -17.55 7.05
CA LEU A 61 4.07 -17.86 8.35
C LEU A 61 4.65 -17.01 9.45
N ASP A 62 5.27 -15.90 9.09
CA ASP A 62 5.90 -15.03 10.05
C ASP A 62 4.89 -14.19 10.81
N ASP A 63 5.33 -13.66 11.94
CA ASP A 63 4.48 -12.88 12.80
C ASP A 63 3.76 -11.74 12.14
N SER A 64 4.48 -10.89 11.44
CA SER A 64 3.88 -9.73 10.78
C SER A 64 2.71 -10.16 9.89
N THR A 65 2.95 -11.19 9.08
CA THR A 65 1.93 -11.70 8.16
C THR A 65 0.72 -12.28 8.92
N LEU A 66 0.97 -13.25 9.77
CA LEU A 66 -0.10 -13.85 10.51
C LEU A 66 -0.87 -12.87 11.35
N LEU A 67 -0.23 -11.84 11.87
CA LEU A 67 -0.93 -10.89 12.69
C LEU A 67 -1.78 -9.98 11.86
N ARG A 68 -1.38 -9.74 10.62
CA ARG A 68 -2.20 -8.92 9.73
C ARG A 68 -3.55 -9.59 9.47
N PHE A 69 -3.52 -10.88 9.19
CA PHE A 69 -4.74 -11.63 8.99
C PHE A 69 -5.52 -11.69 10.30
N LEU A 70 -4.85 -11.89 11.41
CA LEU A 70 -5.52 -11.94 12.69
C LEU A 70 -6.20 -10.61 12.97
N ARG A 71 -5.46 -9.51 12.96
CA ARG A 71 -6.10 -8.21 13.19
C ARG A 71 -7.24 -7.96 12.20
N ALA A 72 -7.24 -8.63 11.05
CA ALA A 72 -8.27 -8.42 10.05
C ALA A 72 -9.57 -9.14 10.38
N ARG A 73 -9.52 -10.17 11.21
CA ARG A 73 -10.69 -10.93 11.59
C ARG A 73 -10.93 -10.84 13.10
N LYS A 74 -10.71 -9.64 13.67
CA LYS A 74 -10.96 -9.32 15.08
C LYS A 74 -10.31 -10.36 16.01
N PHE A 75 -9.27 -11.01 15.52
CA PHE A 75 -8.50 -12.09 16.17
C PHE A 75 -9.19 -13.45 16.17
N ASP A 76 -10.26 -13.61 15.42
CA ASP A 76 -10.86 -14.93 15.30
C ASP A 76 -9.87 -15.84 14.60
N VAL A 77 -9.38 -16.86 15.29
CA VAL A 77 -8.41 -17.73 14.68
C VAL A 77 -8.91 -18.54 13.52
N GLN A 78 -10.20 -18.83 13.48
CA GLN A 78 -10.70 -19.68 12.40
C GLN A 78 -10.95 -18.89 11.12
N LEU A 79 -11.69 -17.76 11.21
CA LEU A 79 -11.88 -16.89 10.05
C LEU A 79 -10.54 -16.43 9.48
N ALA A 80 -9.58 -16.21 10.36
CA ALA A 80 -8.28 -15.80 9.89
C ALA A 80 -7.61 -16.92 9.13
N LYS A 81 -7.94 -18.17 9.42
CA LYS A 81 -7.32 -19.26 8.70
C LYS A 81 -7.94 -19.31 7.34
N GLU A 82 -9.23 -19.08 7.29
CA GLU A 82 -9.91 -19.04 6.00
C GLU A 82 -9.31 -17.95 5.12
N MET A 83 -9.18 -16.76 5.67
CA MET A 83 -8.62 -15.64 4.95
C MET A 83 -7.26 -15.96 4.38
N PHE A 84 -6.43 -16.57 5.19
CA PHE A 84 -5.10 -16.93 4.75
C PHE A 84 -5.11 -17.95 3.63
N GLU A 85 -5.95 -18.95 3.76
CA GLU A 85 -6.03 -20.00 2.76
C GLU A 85 -6.52 -19.46 1.44
N ASN A 86 -7.51 -18.58 1.47
CA ASN A 86 -8.03 -18.02 0.26
C ASN A 86 -6.99 -17.21 -0.47
N CYS A 87 -6.21 -16.45 0.28
CA CYS A 87 -5.17 -15.64 -0.28
C CYS A 87 -4.13 -16.52 -0.93
N GLU A 88 -3.78 -17.62 -0.29
CA GLU A 88 -2.83 -18.54 -0.86
C GLU A 88 -3.36 -19.14 -2.14
N LYS A 89 -4.65 -19.46 -2.17
CA LYS A 89 -5.24 -19.98 -3.37
C LYS A 89 -5.15 -18.94 -4.46
N TRP A 90 -5.46 -17.69 -4.14
CA TRP A 90 -5.39 -16.64 -5.12
C TRP A 90 -4.00 -16.46 -5.62
N ARG A 91 -3.01 -16.49 -4.74
CA ARG A 91 -1.64 -16.30 -5.17
C ARG A 91 -1.26 -17.36 -6.18
N LYS A 92 -1.82 -18.55 -6.01
CA LYS A 92 -1.59 -19.67 -6.94
C LYS A 92 -2.23 -19.39 -8.30
N ASP A 93 -3.56 -19.21 -8.31
CA ASP A 93 -4.29 -18.92 -9.56
C ASP A 93 -3.75 -17.67 -10.25
N TYR A 94 -3.66 -16.56 -9.51
CA TYR A 94 -3.28 -15.29 -10.12
C TYR A 94 -1.81 -15.27 -10.53
N GLY A 95 -1.00 -16.19 -10.00
CA GLY A 95 0.42 -16.19 -10.32
C GLY A 95 1.22 -15.13 -9.61
N THR A 96 0.81 -14.73 -8.39
CA THR A 96 1.39 -13.56 -7.73
C THR A 96 2.81 -13.83 -7.27
N ASP A 97 3.13 -15.09 -6.91
CA ASP A 97 4.44 -15.41 -6.36
C ASP A 97 5.56 -15.15 -7.36
N THR A 98 5.23 -15.06 -8.65
CA THR A 98 6.23 -14.88 -9.68
C THR A 98 5.99 -13.60 -10.47
N ILE A 99 5.06 -12.74 -10.04
CA ILE A 99 4.65 -11.63 -10.89
C ILE A 99 5.78 -10.64 -11.13
N LEU A 100 6.74 -10.53 -10.20
CA LEU A 100 7.76 -9.51 -10.42
C LEU A 100 8.66 -9.85 -11.60
N GLN A 101 8.74 -11.14 -11.98
CA GLN A 101 9.47 -11.58 -13.17
C GLN A 101 8.60 -11.58 -14.43
N ASP A 102 7.40 -12.15 -14.34
CA ASP A 102 6.58 -12.42 -15.52
C ASP A 102 6.05 -11.13 -16.14
N PHE A 103 5.51 -10.22 -15.33
CA PHE A 103 4.75 -9.09 -15.84
C PHE A 103 5.64 -7.88 -16.15
N HIS A 104 5.39 -7.25 -17.30
CA HIS A 104 6.15 -6.09 -17.76
C HIS A 104 5.26 -5.01 -18.32
N TYR A 105 5.02 -3.97 -17.53
CA TYR A 105 4.18 -2.88 -17.91
C TYR A 105 4.97 -1.88 -18.72
N ASP A 106 5.25 -2.22 -19.97
CA ASP A 106 6.04 -1.37 -20.84
C ASP A 106 5.33 -0.16 -21.42
N GLU A 107 4.03 -0.13 -21.29
CA GLU A 107 3.20 0.94 -21.74
C GLU A 107 3.05 2.05 -20.75
N LYS A 108 3.66 1.93 -19.60
CA LYS A 108 3.51 2.91 -18.57
C LYS A 108 3.90 4.30 -18.96
N PRO A 109 4.94 4.46 -19.75
CA PRO A 109 5.34 5.80 -20.16
C PRO A 109 4.26 6.47 -20.97
N LEU A 110 3.54 5.70 -21.77
CA LEU A 110 2.51 6.28 -22.60
C LEU A 110 1.26 6.58 -21.83
N ILE A 111 0.94 5.75 -20.86
CA ILE A 111 -0.29 5.95 -20.14
C ILE A 111 -0.19 6.57 -18.76
N ALA A 112 0.98 6.96 -18.33
CA ALA A 112 1.13 7.52 -17.01
C ALA A 112 0.35 8.79 -16.83
N LYS A 113 0.30 9.65 -17.83
CA LYS A 113 -0.44 10.88 -17.71
C LYS A 113 -1.94 10.65 -17.56
N PHE A 114 -2.43 9.59 -18.18
CA PHE A 114 -3.83 9.27 -18.12
C PHE A 114 -4.33 8.84 -16.77
N TYR A 115 -3.51 8.14 -16.01
CA TYR A 115 -3.86 7.74 -14.67
C TYR A 115 -2.64 7.72 -13.79
N PRO A 116 -2.30 8.81 -13.15
CA PRO A 116 -1.01 8.89 -12.47
C PRO A 116 -0.98 8.13 -11.16
N GLN A 117 0.02 7.30 -10.97
CA GLN A 117 0.19 6.47 -9.80
C GLN A 117 1.67 6.32 -9.59
N TYR A 118 2.26 6.74 -8.45
CA TYR A 118 3.68 6.73 -8.14
C TYR A 118 3.87 6.68 -6.63
N TYR A 119 4.95 6.07 -6.21
CA TYR A 119 5.33 6.00 -4.83
C TYR A 119 6.42 7.03 -4.65
N HIS A 120 6.29 7.96 -3.71
CA HIS A 120 7.27 8.98 -3.46
C HIS A 120 7.58 9.23 -2.03
N LYS A 121 8.71 8.71 -1.62
CA LYS A 121 9.26 8.83 -0.30
C LYS A 121 8.47 8.29 0.86
N THR A 122 8.68 8.85 2.03
CA THR A 122 8.03 8.37 3.22
C THR A 122 7.33 9.43 4.05
N ASP A 123 6.41 9.02 4.91
CA ASP A 123 5.75 9.95 5.82
C ASP A 123 6.46 9.91 7.18
N LYS A 124 6.02 10.76 8.12
CA LYS A 124 6.71 10.91 9.40
C LYS A 124 6.84 9.61 10.18
N ASP A 125 6.03 8.58 9.88
CA ASP A 125 6.13 7.29 10.57
C ASP A 125 6.93 6.27 9.77
N GLY A 126 7.56 6.66 8.66
CA GLY A 126 8.36 5.77 7.84
C GLY A 126 7.61 4.98 6.78
N ARG A 127 6.37 5.30 6.53
CA ARG A 127 5.58 4.58 5.56
C ARG A 127 5.80 5.09 4.18
N PRO A 128 5.95 4.23 3.20
CA PRO A 128 6.10 4.70 1.83
C PRO A 128 4.81 5.38 1.40
N VAL A 129 4.92 6.47 0.71
CA VAL A 129 3.75 7.19 0.29
C VAL A 129 3.34 6.89 -1.12
N TYR A 130 2.10 6.52 -1.28
CA TYR A 130 1.56 6.21 -2.60
C TYR A 130 0.65 7.35 -3.04
N PHE A 131 0.93 7.91 -4.22
CA PHE A 131 0.10 8.95 -4.82
C PHE A 131 -0.73 8.40 -5.98
N GLU A 132 -2.02 8.69 -5.97
CA GLU A 132 -2.92 8.27 -7.02
C GLU A 132 -3.76 9.45 -7.43
N GLU A 133 -3.60 9.93 -8.64
CA GLU A 133 -4.34 11.06 -9.12
C GLU A 133 -5.49 10.53 -9.92
N LEU A 134 -6.49 10.06 -9.22
CA LEU A 134 -7.67 9.45 -9.79
C LEU A 134 -8.57 10.42 -10.52
N GLY A 135 -8.63 11.63 -10.04
CA GLY A 135 -9.42 12.67 -10.65
C GLY A 135 -9.07 12.99 -12.08
N ALA A 136 -7.80 12.85 -12.41
CA ALA A 136 -7.28 13.10 -13.73
C ALA A 136 -7.44 11.95 -14.68
N VAL A 137 -7.96 10.84 -14.22
CA VAL A 137 -8.14 9.67 -15.04
C VAL A 137 -8.86 9.93 -16.35
N ASN A 138 -8.31 9.35 -17.40
CA ASN A 138 -8.85 9.43 -18.72
C ASN A 138 -8.82 8.05 -19.30
N LEU A 139 -9.79 7.22 -18.97
CA LEU A 139 -9.80 5.86 -19.46
C LEU A 139 -9.95 5.69 -20.96
N HIS A 140 -10.56 6.64 -21.64
CA HIS A 140 -10.71 6.52 -23.06
C HIS A 140 -9.35 6.46 -23.71
N GLU A 141 -8.45 7.33 -23.31
CA GLU A 141 -7.10 7.32 -23.83
C GLU A 141 -6.35 6.10 -23.36
N MET A 142 -6.56 5.70 -22.13
CA MET A 142 -5.88 4.55 -21.60
C MET A 142 -6.23 3.26 -22.28
N ASN A 143 -7.51 3.07 -22.57
CA ASN A 143 -7.92 1.84 -23.18
C ASN A 143 -7.44 1.74 -24.61
N LYS A 144 -6.89 2.80 -25.12
CA LYS A 144 -6.31 2.75 -26.42
C LYS A 144 -5.09 1.88 -26.36
N VAL A 145 -4.34 1.95 -25.28
CA VAL A 145 -3.14 1.13 -25.16
C VAL A 145 -3.11 -0.03 -24.16
N THR A 146 -3.98 -0.05 -23.17
CA THR A 146 -4.00 -1.15 -22.22
C THR A 146 -5.37 -1.57 -21.82
N SER A 147 -5.44 -2.68 -21.12
CA SER A 147 -6.66 -3.24 -20.63
C SER A 147 -6.74 -3.16 -19.12
N GLU A 148 -7.93 -3.31 -18.59
CA GLU A 148 -8.11 -3.25 -17.18
C GLU A 148 -7.45 -4.48 -16.61
N GLU A 149 -7.46 -5.59 -17.32
CA GLU A 149 -6.70 -6.76 -16.85
C GLU A 149 -5.24 -6.39 -16.60
N ARG A 150 -4.65 -5.61 -17.50
CA ARG A 150 -3.28 -5.20 -17.33
C ARG A 150 -3.09 -4.17 -16.25
N MET A 151 -4.07 -3.32 -16.01
CA MET A 151 -3.95 -2.34 -14.97
C MET A 151 -3.91 -3.02 -13.63
N LEU A 152 -4.66 -4.09 -13.48
CA LEU A 152 -4.70 -4.77 -12.20
C LEU A 152 -3.45 -5.58 -11.95
N LYS A 153 -2.82 -6.10 -13.00
CA LYS A 153 -1.54 -6.80 -12.84
C LYS A 153 -0.49 -5.83 -12.33
N ASN A 154 -0.48 -4.62 -12.89
CA ASN A 154 0.44 -3.61 -12.44
C ASN A 154 0.18 -3.24 -10.97
N LEU A 155 -1.10 -3.22 -10.57
CA LEU A 155 -1.41 -2.99 -9.16
C LEU A 155 -0.78 -4.06 -8.27
N VAL A 156 -1.01 -5.34 -8.58
CA VAL A 156 -0.43 -6.42 -7.78
C VAL A 156 1.10 -6.45 -7.93
N TRP A 157 1.64 -6.03 -9.07
CA TRP A 157 3.08 -5.88 -9.21
C TRP A 157 3.60 -4.81 -8.25
N GLU A 158 3.00 -3.60 -8.27
CA GLU A 158 3.39 -2.59 -7.29
C GLU A 158 3.24 -3.12 -5.88
N TYR A 159 2.14 -3.82 -5.60
CA TYR A 159 1.93 -4.35 -4.26
C TYR A 159 3.05 -5.30 -3.86
N GLU A 160 3.41 -6.22 -4.76
CA GLU A 160 4.52 -7.11 -4.46
C GLU A 160 5.82 -6.34 -4.29
N SER A 161 6.01 -5.25 -5.00
CA SER A 161 7.19 -4.44 -4.82
C SER A 161 7.24 -3.87 -3.43
N VAL A 162 6.11 -3.42 -2.93
CA VAL A 162 6.07 -2.86 -1.60
C VAL A 162 6.40 -3.86 -0.54
N VAL A 163 5.84 -5.04 -0.65
CA VAL A 163 6.11 -6.05 0.32
C VAL A 163 7.54 -6.55 0.28
N GLN A 164 7.99 -6.93 -0.90
CA GLN A 164 9.33 -7.38 -1.08
C GLN A 164 10.43 -6.36 -0.96
N TYR A 165 10.25 -5.16 -1.49
CA TYR A 165 11.31 -4.18 -1.44
C TYR A 165 11.15 -2.86 -0.77
N ARG A 166 9.97 -2.29 -0.78
CA ARG A 166 9.76 -0.99 -0.19
C ARG A 166 9.61 -1.01 1.30
N LEU A 167 8.81 -1.91 1.82
CA LEU A 167 8.62 -1.97 3.26
C LEU A 167 9.91 -2.35 4.01
N PRO A 168 10.73 -3.33 3.58
CA PRO A 168 12.00 -3.58 4.30
C PRO A 168 12.91 -2.38 4.33
N ALA A 169 13.07 -1.70 3.22
CA ALA A 169 13.90 -0.53 3.19
C ALA A 169 13.38 0.55 4.12
N CYS A 170 12.08 0.72 4.18
CA CYS A 170 11.48 1.71 5.02
C CYS A 170 11.63 1.33 6.45
N SER A 171 11.54 0.06 6.75
CA SER A 171 11.80 -0.41 8.10
C SER A 171 13.21 -0.03 8.57
N ARG A 172 14.23 -0.41 7.80
CA ARG A 172 15.58 -0.05 8.15
C ARG A 172 15.73 1.46 8.29
N ALA A 173 15.17 2.24 7.36
CA ALA A 173 15.37 3.68 7.41
C ALA A 173 14.71 4.34 8.63
N ALA A 174 13.72 3.71 9.24
CA ALA A 174 13.01 4.31 10.35
C ALA A 174 13.36 3.72 11.70
N GLY A 175 14.00 2.56 11.75
CA GLY A 175 14.38 1.95 13.00
C GLY A 175 13.36 1.02 13.59
N HIS A 176 12.20 0.90 12.96
CA HIS A 176 11.11 0.03 13.44
C HIS A 176 10.40 -0.56 12.24
N LEU A 177 9.71 -1.69 12.48
CA LEU A 177 8.91 -2.32 11.45
C LEU A 177 7.98 -1.29 10.81
N VAL A 178 7.91 -1.32 9.47
CA VAL A 178 6.92 -0.56 8.72
C VAL A 178 6.14 -1.59 7.92
N GLU A 179 4.85 -1.74 8.23
CA GLU A 179 3.97 -2.73 7.62
C GLU A 179 3.04 -2.12 6.58
N THR A 180 2.96 -0.81 6.50
CA THR A 180 1.83 -0.18 5.85
C THR A 180 2.29 0.95 4.95
N SER A 181 1.42 1.34 4.04
CA SER A 181 1.66 2.47 3.19
C SER A 181 0.73 3.60 3.57
N CYS A 182 1.04 4.76 3.05
CA CYS A 182 0.26 5.95 3.28
C CYS A 182 -0.22 6.40 1.91
N THR A 183 -1.54 6.35 1.68
CA THR A 183 -2.12 6.59 0.36
C THR A 183 -2.73 7.99 0.26
N ILE A 184 -2.37 8.72 -0.78
CA ILE A 184 -2.90 10.03 -1.09
C ILE A 184 -3.60 9.95 -2.42
N MET A 185 -4.91 10.17 -2.44
CA MET A 185 -5.71 10.05 -3.64
C MET A 185 -6.31 11.40 -3.96
N ASP A 186 -6.01 11.91 -5.14
CA ASP A 186 -6.37 13.28 -5.50
C ASP A 186 -7.57 13.23 -6.45
N LEU A 187 -8.70 13.78 -6.02
CA LEU A 187 -9.91 13.78 -6.82
C LEU A 187 -10.06 15.00 -7.73
N LYS A 188 -9.09 15.91 -7.77
CA LYS A 188 -9.26 17.10 -8.60
C LYS A 188 -9.50 16.72 -10.05
N GLY A 189 -10.68 17.09 -10.57
CA GLY A 189 -11.08 16.70 -11.91
C GLY A 189 -12.13 15.61 -11.98
N ILE A 190 -12.46 14.97 -10.85
CA ILE A 190 -13.41 13.87 -10.88
C ILE A 190 -14.77 14.41 -11.33
N SER A 191 -15.54 13.56 -12.02
CA SER A 191 -16.88 13.93 -12.46
C SER A 191 -17.77 12.70 -12.29
N ILE A 192 -19.09 12.89 -12.45
CA ILE A 192 -19.96 11.73 -12.34
C ILE A 192 -19.69 10.77 -13.48
N SER A 193 -19.49 11.32 -14.69
CA SER A 193 -19.09 10.54 -15.86
C SER A 193 -17.87 9.66 -15.55
N SER A 194 -16.73 10.27 -15.26
CA SER A 194 -15.52 9.52 -14.99
C SER A 194 -15.55 8.66 -13.75
N ALA A 195 -16.29 9.08 -12.75
CA ALA A 195 -16.49 8.24 -11.58
C ALA A 195 -17.07 6.88 -11.98
N TYR A 196 -18.13 6.88 -12.78
CA TYR A 196 -18.67 5.62 -13.28
C TYR A 196 -17.64 4.87 -14.11
N SER A 197 -16.88 5.57 -14.91
CA SER A 197 -15.87 4.95 -15.73
C SER A 197 -14.73 4.24 -14.99
N VAL A 198 -14.44 4.59 -13.75
CA VAL A 198 -13.37 3.91 -13.03
C VAL A 198 -13.87 3.00 -11.95
N MET A 199 -15.17 2.90 -11.82
CA MET A 199 -15.73 2.09 -10.77
C MET A 199 -15.36 0.65 -10.84
N SER A 200 -15.28 0.11 -12.04
CA SER A 200 -14.92 -1.26 -12.18
C SER A 200 -13.53 -1.51 -11.66
N TYR A 201 -12.59 -0.65 -12.01
CA TYR A 201 -11.23 -0.81 -11.59
C TYR A 201 -11.05 -0.64 -10.11
N VAL A 202 -11.66 0.37 -9.56
CA VAL A 202 -11.55 0.64 -8.16
C VAL A 202 -12.12 -0.45 -7.30
N ARG A 203 -13.22 -1.01 -7.74
CA ARG A 203 -13.87 -2.09 -7.05
C ARG A 203 -13.00 -3.33 -7.01
N GLU A 204 -12.30 -3.62 -8.08
CA GLU A 204 -11.44 -4.78 -8.14
C GLU A 204 -10.22 -4.58 -7.30
N ALA A 205 -9.57 -3.46 -7.48
CA ALA A 205 -8.42 -3.10 -6.66
C ALA A 205 -8.76 -3.17 -5.17
N SER A 206 -9.91 -2.62 -4.79
CA SER A 206 -10.37 -2.69 -3.41
C SER A 206 -10.54 -4.14 -2.95
N TYR A 207 -11.03 -5.02 -3.82
CA TYR A 207 -11.20 -6.41 -3.43
C TYR A 207 -9.84 -7.08 -3.23
N ILE A 208 -8.91 -6.85 -4.15
CA ILE A 208 -7.55 -7.35 -3.98
C ILE A 208 -6.90 -6.80 -2.71
N SER A 209 -7.13 -5.53 -2.42
CA SER A 209 -6.50 -4.93 -1.25
C SER A 209 -6.99 -5.59 0.02
N GLN A 210 -8.30 -5.65 0.20
CA GLN A 210 -8.83 -6.10 1.48
C GLN A 210 -8.62 -7.59 1.69
N ASN A 211 -8.87 -8.37 0.67
CA ASN A 211 -8.81 -9.80 0.82
C ASN A 211 -7.47 -10.45 0.69
N TYR A 212 -6.58 -9.84 -0.07
CA TYR A 212 -5.29 -10.43 -0.25
C TYR A 212 -4.15 -9.68 0.38
N TYR A 213 -4.38 -8.44 0.82
CA TYR A 213 -3.34 -7.65 1.43
C TYR A 213 -3.88 -6.93 2.64
N PRO A 214 -4.48 -7.68 3.55
CA PRO A 214 -5.11 -7.09 4.72
C PRO A 214 -4.16 -6.41 5.62
N GLU A 215 -4.62 -5.31 6.18
CA GLU A 215 -3.90 -4.49 7.11
C GLU A 215 -2.64 -3.85 6.57
N ARG A 216 -2.59 -3.67 5.26
CA ARG A 216 -1.49 -2.95 4.63
C ARG A 216 -1.77 -1.47 4.44
N MET A 217 -2.98 -1.03 4.69
CA MET A 217 -3.33 0.37 4.56
C MET A 217 -3.16 1.06 5.91
N GLY A 218 -2.22 2.00 5.99
CA GLY A 218 -1.93 2.65 7.26
C GLY A 218 -2.54 4.04 7.38
N LYS A 219 -2.45 4.83 6.31
CA LYS A 219 -3.09 6.14 6.24
C LYS A 219 -3.69 6.27 4.86
N PHE A 220 -4.85 6.90 4.79
CA PHE A 220 -5.52 7.12 3.52
C PHE A 220 -6.04 8.55 3.50
N TYR A 221 -5.53 9.37 2.60
CA TYR A 221 -5.96 10.75 2.45
C TYR A 221 -6.63 10.88 1.10
N ILE A 222 -7.87 11.34 1.09
CA ILE A 222 -8.51 11.79 -0.15
C ILE A 222 -8.48 13.30 -0.18
N ILE A 223 -7.86 13.91 -1.19
CA ILE A 223 -7.72 15.37 -1.24
C ILE A 223 -8.44 15.92 -2.46
N ASN A 224 -8.88 17.19 -2.35
CA ASN A 224 -9.68 17.84 -3.39
C ASN A 224 -11.01 17.10 -3.57
N ALA A 225 -11.59 16.62 -2.46
CA ALA A 225 -12.87 15.98 -2.55
C ALA A 225 -13.93 17.01 -2.94
N PRO A 226 -14.94 16.61 -3.70
CA PRO A 226 -16.04 17.52 -3.99
C PRO A 226 -16.91 17.72 -2.76
N PHE A 227 -17.66 18.82 -2.76
CA PHE A 227 -18.32 19.30 -1.54
C PHE A 227 -19.25 18.25 -0.93
N GLY A 228 -20.06 17.57 -1.75
CA GLY A 228 -20.98 16.58 -1.22
C GLY A 228 -20.26 15.39 -0.61
N PHE A 229 -19.18 14.98 -1.21
CA PHE A 229 -18.41 13.86 -0.71
C PHE A 229 -17.71 14.25 0.57
N SER A 230 -17.17 15.45 0.58
CA SER A 230 -16.50 15.98 1.73
C SER A 230 -17.44 16.14 2.90
N THR A 231 -18.64 16.63 2.64
CA THR A 231 -19.64 16.85 3.66
C THR A 231 -20.18 15.62 4.31
N ALA A 232 -20.41 14.61 3.50
CA ALA A 232 -20.96 13.39 4.01
C ALA A 232 -20.06 12.75 5.03
N PHE A 233 -18.77 12.75 4.76
CA PHE A 233 -17.80 12.21 5.68
C PHE A 233 -17.77 12.99 6.96
N ARG A 234 -17.88 14.30 6.86
CA ARG A 234 -17.85 15.16 8.01
C ARG A 234 -19.00 14.89 8.94
N LEU A 235 -20.18 14.72 8.39
CA LEU A 235 -21.35 14.41 9.17
C LEU A 235 -21.35 13.05 9.80
N PHE A 236 -20.90 12.04 9.10
CA PHE A 236 -20.95 10.69 9.63
C PHE A 236 -19.72 10.25 10.34
N LYS A 237 -18.78 11.16 10.51
CA LYS A 237 -17.54 10.86 11.20
C LYS A 237 -17.81 10.33 12.59
N PRO A 238 -18.61 11.02 13.37
CA PRO A 238 -18.86 10.55 14.75
C PRO A 238 -19.37 9.12 14.88
N PHE A 239 -19.60 8.42 13.76
CA PHE A 239 -20.19 7.08 13.81
C PHE A 239 -19.32 6.01 13.17
N LEU A 240 -18.08 6.35 12.87
CA LEU A 240 -17.12 5.37 12.41
C LEU A 240 -16.28 4.96 13.62
N ASP A 241 -15.75 3.75 13.65
CA ASP A 241 -14.99 3.33 14.82
C ASP A 241 -13.70 4.13 14.91
N PRO A 242 -13.20 4.43 16.12
CA PRO A 242 -12.05 5.35 16.25
C PRO A 242 -10.77 4.85 15.58
N VAL A 243 -10.62 3.54 15.35
CA VAL A 243 -9.46 3.04 14.61
C VAL A 243 -9.51 3.49 13.16
N THR A 244 -10.66 3.29 12.51
CA THR A 244 -10.81 3.76 11.13
C THR A 244 -10.74 5.29 11.02
N VAL A 245 -11.24 6.03 12.02
CA VAL A 245 -11.29 7.47 11.88
C VAL A 245 -9.90 8.09 11.98
N SER A 246 -8.93 7.36 12.52
CA SER A 246 -7.54 7.81 12.57
C SER A 246 -6.75 7.41 11.32
N LYS A 247 -7.24 6.45 10.54
CA LYS A 247 -6.60 6.07 9.28
C LYS A 247 -7.08 6.86 8.08
N ILE A 248 -8.34 7.30 8.06
CA ILE A 248 -8.97 7.93 6.88
C ILE A 248 -9.34 9.39 6.98
N PHE A 249 -8.95 10.17 5.96
CA PHE A 249 -9.09 11.61 5.96
C PHE A 249 -9.65 12.03 4.61
N ILE A 250 -10.79 12.70 4.60
CA ILE A 250 -11.38 13.22 3.38
C ILE A 250 -11.25 14.73 3.49
N LEU A 251 -10.54 15.32 2.56
CA LEU A 251 -10.18 16.73 2.58
C LEU A 251 -10.59 17.40 1.27
N GLY A 252 -10.90 18.70 1.36
CA GLY A 252 -11.19 19.51 0.19
C GLY A 252 -9.94 20.13 -0.42
N SER A 253 -10.07 21.37 -0.86
CA SER A 253 -9.00 22.09 -1.54
C SER A 253 -7.92 22.68 -0.64
N SER A 254 -8.06 22.51 0.66
CA SER A 254 -7.08 23.05 1.57
C SER A 254 -6.69 21.83 2.39
N TYR A 255 -5.74 21.09 1.85
CA TYR A 255 -5.23 19.88 2.46
C TYR A 255 -3.75 20.02 2.72
N GLN A 256 -3.13 21.06 2.20
CA GLN A 256 -1.68 21.20 2.32
C GLN A 256 -1.22 21.13 3.77
N LYS A 257 -1.87 21.87 4.66
CA LYS A 257 -1.46 21.82 6.06
C LYS A 257 -1.74 20.46 6.67
N GLU A 258 -2.77 19.76 6.18
CA GLU A 258 -3.06 18.46 6.75
C GLU A 258 -2.04 17.43 6.29
N LEU A 259 -1.61 17.50 5.03
CA LEU A 259 -0.60 16.59 4.56
C LEU A 259 0.71 16.81 5.31
N LEU A 260 1.06 18.08 5.55
CA LEU A 260 2.35 18.39 6.16
C LEU A 260 2.41 17.92 7.62
N LYS A 261 1.28 17.81 8.30
CA LYS A 261 1.35 17.16 9.61
C LYS A 261 1.77 15.70 9.50
N GLN A 262 1.58 15.05 8.34
CA GLN A 262 1.84 13.61 8.22
C GLN A 262 3.09 13.29 7.41
N ILE A 263 3.47 14.15 6.46
CA ILE A 263 4.58 13.92 5.56
C ILE A 263 5.53 15.11 5.69
N PRO A 264 6.82 14.89 5.98
CA PRO A 264 7.76 16.02 6.06
C PRO A 264 7.78 16.80 4.76
N ALA A 265 7.89 18.13 4.86
CA ALA A 265 7.76 18.97 3.66
C ALA A 265 8.79 18.62 2.60
N GLU A 266 9.90 18.07 3.03
CA GLU A 266 10.93 17.71 2.11
C GLU A 266 10.61 16.42 1.37
N ASN A 267 9.62 15.68 1.84
CA ASN A 267 9.23 14.47 1.17
C ASN A 267 7.95 14.66 0.39
N LEU A 268 7.23 15.75 0.61
CA LEU A 268 5.97 15.97 -0.08
C LEU A 268 6.22 16.68 -1.40
N PRO A 269 5.69 16.17 -2.51
CA PRO A 269 5.83 16.88 -3.80
C PRO A 269 5.42 18.33 -3.73
N VAL A 270 6.09 19.18 -4.53
CA VAL A 270 5.76 20.61 -4.45
C VAL A 270 4.31 20.84 -4.85
N LYS A 271 3.83 20.08 -5.84
CA LYS A 271 2.48 20.26 -6.34
C LYS A 271 1.42 20.02 -5.27
N PHE A 272 1.74 19.26 -4.22
CA PHE A 272 0.83 19.03 -3.08
C PHE A 272 1.19 19.88 -1.89
N GLY A 273 2.16 20.77 -2.04
CA GLY A 273 2.46 21.76 -1.03
C GLY A 273 3.73 21.56 -0.24
N GLY A 274 4.62 20.69 -0.69
CA GLY A 274 5.91 20.48 -0.05
C GLY A 274 7.07 21.01 -0.89
N LYS A 275 8.23 20.45 -0.63
CA LYS A 275 9.44 20.91 -1.29
C LYS A 275 10.11 19.87 -2.19
N SER A 276 9.73 18.62 -2.10
CA SER A 276 10.34 17.59 -2.90
C SER A 276 10.17 17.77 -4.39
N GLU A 277 11.27 17.73 -5.11
CA GLU A 277 11.23 17.95 -6.53
C GLU A 277 11.78 16.79 -7.29
N VAL A 278 11.41 16.69 -8.55
CA VAL A 278 11.87 15.61 -9.37
C VAL A 278 12.22 16.16 -10.73
N ASP A 279 13.39 15.80 -11.23
CA ASP A 279 13.85 16.26 -12.51
C ASP A 279 12.95 15.77 -13.59
N GLU A 280 12.68 16.62 -14.57
CA GLU A 280 11.88 16.22 -15.73
C GLU A 280 12.69 15.40 -16.74
N SER A 281 13.98 15.31 -16.50
CA SER A 281 14.97 14.57 -17.26
C SER A 281 14.78 13.07 -17.16
N LYS A 282 14.21 12.63 -16.05
CA LYS A 282 13.98 11.22 -15.79
C LYS A 282 12.53 10.80 -16.01
N GLY A 283 11.77 11.60 -16.76
CA GLY A 283 10.39 11.31 -17.05
C GLY A 283 9.43 11.99 -16.10
N GLY A 284 9.98 12.69 -15.14
CA GLY A 284 9.22 13.44 -14.19
C GLY A 284 8.76 12.60 -13.03
N LEU A 285 7.81 13.13 -12.31
CA LEU A 285 7.26 12.49 -11.12
C LEU A 285 6.34 11.32 -11.46
N TYR A 286 5.66 11.38 -12.62
CA TYR A 286 4.73 10.31 -12.95
C TYR A 286 5.43 9.00 -13.25
N LEU A 287 6.73 9.05 -13.54
CA LEU A 287 7.51 7.86 -13.82
C LEU A 287 8.61 7.63 -12.78
N SER A 288 8.62 8.40 -11.71
CA SER A 288 9.65 8.26 -10.68
C SER A 288 9.30 7.29 -9.55
N ASP A 289 10.32 6.67 -8.99
CA ASP A 289 10.16 5.76 -7.88
C ASP A 289 11.27 6.05 -6.91
N ILE A 290 11.13 7.10 -6.14
CA ILE A 290 12.17 7.52 -5.24
C ILE A 290 11.87 7.27 -3.80
N GLY A 291 12.82 6.75 -3.07
CA GLY A 291 12.64 6.47 -1.69
C GLY A 291 13.81 5.77 -1.07
N PRO A 292 13.61 5.24 0.12
CA PRO A 292 14.58 4.49 0.89
C PRO A 292 15.00 3.21 0.22
N TRP A 293 14.11 2.61 -0.56
CA TRP A 293 14.29 1.41 -1.34
C TRP A 293 15.26 1.57 -2.51
N ARG A 294 15.60 2.78 -2.88
CA ARG A 294 16.57 3.12 -3.87
C ARG A 294 17.90 3.61 -3.27
N ASP A 295 18.08 3.52 -1.96
CA ASP A 295 19.30 3.95 -1.29
C ASP A 295 20.11 2.75 -0.84
N PRO A 296 21.36 2.60 -1.26
CA PRO A 296 22.15 1.43 -0.88
C PRO A 296 22.25 1.21 0.62
N LYS A 297 22.20 2.29 1.41
CA LYS A 297 22.27 2.19 2.86
C LYS A 297 21.11 1.36 3.45
N TYR A 298 19.96 1.31 2.78
CA TYR A 298 18.79 0.62 3.32
C TYR A 298 18.33 -0.57 2.49
N ILE A 299 19.09 -0.96 1.50
CA ILE A 299 18.77 -2.11 0.71
C ILE A 299 19.46 -3.29 1.34
N GLY A 300 18.76 -4.40 1.47
CA GLY A 300 19.32 -5.54 2.14
C GLY A 300 19.57 -6.72 1.22
N PRO A 301 19.44 -7.94 1.76
CA PRO A 301 19.72 -9.13 0.95
C PRO A 301 18.73 -9.32 -0.19
N GLU A 302 17.61 -8.59 -0.17
CA GLU A 302 16.67 -8.70 -1.28
C GLU A 302 17.20 -8.04 -2.55
N GLY A 303 18.20 -7.16 -2.45
CA GLY A 303 18.67 -6.39 -3.59
C GLY A 303 17.72 -5.26 -3.94
N GLU A 304 18.17 -4.39 -4.80
CA GLU A 304 17.38 -3.27 -5.19
C GLU A 304 16.21 -3.75 -5.98
N ALA A 305 15.09 -3.12 -5.77
CA ALA A 305 13.88 -3.45 -6.46
C ALA A 305 13.97 -3.26 -7.94
N PRO A 306 13.01 -3.82 -8.66
CA PRO A 306 12.92 -3.59 -10.11
C PRO A 306 12.43 -2.18 -10.44
N GLU A 307 12.46 -1.85 -11.72
CA GLU A 307 11.73 -0.70 -12.25
C GLU A 307 10.62 -1.21 -13.15
N ALA A 308 9.52 -0.44 -13.21
CA ALA A 308 8.29 -0.93 -13.85
C ALA A 308 8.41 -1.02 -15.37
N PHE A 309 9.36 -0.30 -15.98
CA PHE A 309 9.46 -0.26 -17.43
C PHE A 309 10.93 -0.10 -17.85
N SER A 310 11.16 -0.37 -19.14
CA SER A 310 12.51 -0.46 -19.72
C SER A 310 13.31 0.83 -19.52
N MET A 311 12.82 1.95 -20.05
CA MET A 311 13.56 3.22 -20.06
C MET A 311 13.91 3.72 -18.65
#